data_4IZO
#
_entry.id   4IZO
#
_cell.length_a   53.930
_cell.length_b   53.930
_cell.length_c   465.920
_cell.angle_alpha   90.000
_cell.angle_beta   90.000
_cell.angle_gamma   120.000
#
_symmetry.space_group_name_H-M   'P 61 2 2'
#
loop_
_entity.id
_entity.type
_entity.pdbx_description
1 polymer 'Phosphoribosylaminoimidazole carboxylase, ATPase subunit'
2 water water
#
_entity_poly.entity_id   1
_entity_poly.type   'polypeptide(L)'
_entity_poly.pdbx_seq_one_letter_code
;MAHHHHHHMGTLEAQTQGPGSMTALPNPNSPILPGAWLGMVGGGQLGRMFCFAAQAMGYRVAVLDPDPTSPAGAVADKHL
RAAYDDEAALAELAQLCDAVSTEFENVPAASLDFLAQSTFVAPAGRCVAIAQDRIAEKRFIAASGVPVAPHVVIESAAQL
AALADADLAAVLPGILKTARLGYDGKGQVRVATAQEARDAYGSLGGVPCVLEKRLPLKYEVSALIARGANGASAVFPLAQ
NTHHGGILSLSVVPAPAASDALVRDAQQAAARIADSLDYVGVLCVEFFVLEDGSLVANEMAPRPHNSGHYTVDACETSQF
EQQVRAMTRLPLGSTRQHSPAAMLNVLGDVWFASGASGEPVTPPWDQVAAMPTARLHLYGKEEARVGRKMGHVNFTAATL
DEAVAGATACARLLRIPLD
;
_entity_poly.pdbx_strand_id   A
#
# COMPACT_ATOMS: atom_id res chain seq x y z
N SER A 30 19.68 17.19 8.88
CA SER A 30 20.86 16.41 9.39
C SER A 30 20.50 14.94 9.31
N PRO A 31 21.37 14.13 8.68
CA PRO A 31 20.98 12.74 8.50
C PRO A 31 21.11 11.95 9.81
N ILE A 32 20.26 10.95 9.95
CA ILE A 32 20.30 10.03 11.06
C ILE A 32 21.05 8.83 10.58
N LEU A 33 22.23 8.59 11.16
CA LEU A 33 23.15 7.61 10.63
C LEU A 33 23.00 6.21 11.24
N PRO A 34 23.48 5.17 10.52
CA PRO A 34 23.52 3.80 11.02
C PRO A 34 24.06 3.73 12.43
N GLY A 35 23.44 2.89 13.25
CA GLY A 35 23.65 2.85 14.70
C GLY A 35 22.51 3.45 15.53
N ALA A 36 21.74 4.33 14.91
CA ALA A 36 20.57 4.91 15.52
C ALA A 36 19.45 3.86 15.59
N TRP A 37 18.47 4.17 16.42
CA TRP A 37 17.26 3.41 16.58
C TRP A 37 16.18 4.04 15.71
N LEU A 38 15.52 3.19 14.91
CA LEU A 38 14.34 3.54 14.17
C LEU A 38 13.13 2.80 14.71
N GLY A 39 12.00 3.49 14.80
CA GLY A 39 10.78 2.90 15.29
C GLY A 39 9.84 2.55 14.15
N MET A 40 9.06 1.52 14.35
CA MET A 40 8.04 1.14 13.40
C MET A 40 6.74 0.87 14.20
N VAL A 41 5.71 1.68 13.96
CA VAL A 41 4.39 1.50 14.57
C VAL A 41 3.61 0.63 13.62
N GLY A 42 3.38 -0.62 14.00
CA GLY A 42 2.71 -1.59 13.12
C GLY A 42 3.65 -2.76 12.98
N GLY A 43 3.17 -3.99 13.10
CA GLY A 43 4.13 -5.11 13.10
C GLY A 43 3.81 -6.32 12.25
N GLY A 44 3.05 -6.11 11.16
CA GLY A 44 2.75 -7.20 10.22
C GLY A 44 3.91 -7.52 9.30
N GLN A 45 3.61 -8.11 8.14
CA GLN A 45 4.64 -8.54 7.24
C GLN A 45 5.35 -7.37 6.66
N LEU A 46 4.65 -6.27 6.39
CA LEU A 46 5.34 -5.09 5.84
C LEU A 46 6.37 -4.50 6.86
N GLY A 47 6.00 -4.48 8.14
CA GLY A 47 6.94 -4.04 9.21
C GLY A 47 8.17 -4.93 9.29
N ARG A 48 7.98 -6.23 9.11
N ARG A 48 7.99 -6.24 9.13
CA ARG A 48 9.06 -7.20 9.10
CA ARG A 48 9.13 -7.16 9.13
C ARG A 48 10.00 -6.94 7.91
C ARG A 48 10.02 -6.88 7.91
N MET A 49 9.41 -6.62 6.75
CA MET A 49 10.20 -6.25 5.57
C MET A 49 10.96 -4.96 5.83
N PHE A 50 10.34 -4.00 6.49
CA PHE A 50 11.02 -2.76 6.90
C PHE A 50 12.20 -3.04 7.81
N CYS A 51 11.98 -3.90 8.80
CA CYS A 51 13.03 -4.27 9.76
CA CYS A 51 13.03 -4.24 9.75
C CYS A 51 14.25 -4.85 9.08
N PHE A 52 14.04 -5.77 8.14
CA PHE A 52 15.14 -6.32 7.32
C PHE A 52 15.94 -5.20 6.66
N ALA A 53 15.22 -4.25 6.05
CA ALA A 53 15.89 -3.23 5.27
C ALA A 53 16.65 -2.27 6.17
N ALA A 54 16.09 -1.97 7.33
CA ALA A 54 16.73 -1.06 8.29
C ALA A 54 17.96 -1.73 8.90
N GLN A 55 17.87 -3.02 9.20
CA GLN A 55 18.96 -3.70 9.87
C GLN A 55 20.09 -3.96 8.89
N ALA A 56 19.71 -4.20 7.64
CA ALA A 56 20.72 -4.37 6.62
C ALA A 56 21.56 -3.10 6.46
N MET A 57 21.01 -1.93 6.77
CA MET A 57 21.79 -0.68 6.72
C MET A 57 22.37 -0.31 8.09
N GLY A 58 22.34 -1.24 9.02
CA GLY A 58 22.98 -1.02 10.31
C GLY A 58 22.19 -0.25 11.36
N TYR A 59 20.87 -0.13 11.18
CA TYR A 59 20.00 0.53 12.18
C TYR A 59 19.49 -0.52 13.11
N ARG A 60 19.18 -0.08 14.32
CA ARG A 60 18.46 -0.84 15.32
C ARG A 60 16.98 -0.55 15.13
N VAL A 61 16.10 -1.53 15.33
CA VAL A 61 14.67 -1.31 15.08
C VAL A 61 13.82 -1.72 16.27
N ALA A 62 13.01 -0.76 16.73
CA ALA A 62 11.98 -1.01 17.70
C ALA A 62 10.62 -1.03 17.04
N VAL A 63 9.87 -2.12 17.21
CA VAL A 63 8.48 -2.27 16.75
C VAL A 63 7.46 -2.10 17.89
N LEU A 64 6.50 -1.19 17.70
CA LEU A 64 5.29 -1.11 18.55
C LEU A 64 4.12 -1.87 17.89
N ASP A 65 3.64 -2.93 18.55
CA ASP A 65 2.58 -3.74 17.98
C ASP A 65 1.97 -4.56 19.11
N PRO A 66 0.65 -4.41 19.36
CA PRO A 66 -0.04 -5.16 20.43
C PRO A 66 -0.08 -6.69 20.24
N ASP A 67 0.15 -7.17 19.03
CA ASP A 67 0.17 -8.61 18.77
C ASP A 67 1.38 -9.31 19.41
N PRO A 68 1.16 -10.23 20.38
CA PRO A 68 2.33 -10.93 20.95
C PRO A 68 3.11 -11.79 19.94
N THR A 69 2.43 -12.24 18.89
CA THR A 69 3.07 -13.02 17.83
C THR A 69 3.45 -12.16 16.62
N SER A 70 3.51 -10.84 16.80
CA SER A 70 3.94 -9.90 15.73
C SER A 70 5.14 -10.41 14.95
N PRO A 71 4.97 -10.66 13.64
CA PRO A 71 6.10 -11.05 12.77
C PRO A 71 7.29 -10.04 12.73
N ALA A 72 6.98 -8.76 12.72
CA ALA A 72 8.00 -7.69 12.76
C ALA A 72 8.61 -7.61 14.16
N GLY A 73 7.78 -7.73 15.18
CA GLY A 73 8.30 -7.75 16.56
C GLY A 73 9.29 -8.87 16.80
N ALA A 74 9.04 -10.01 16.16
CA ALA A 74 9.86 -11.19 16.27
C ALA A 74 11.27 -10.94 15.81
N VAL A 75 11.43 -10.09 14.81
CA VAL A 75 12.72 -9.87 14.16
C VAL A 75 13.40 -8.56 14.62
N ALA A 76 12.68 -7.76 15.38
CA ALA A 76 13.14 -6.45 15.76
C ALA A 76 14.13 -6.56 16.90
N ASP A 77 14.96 -5.54 17.04
CA ASP A 77 15.83 -5.41 18.22
C ASP A 77 15.06 -5.18 19.51
N LYS A 78 13.86 -4.62 19.40
CA LYS A 78 12.98 -4.44 20.57
C LYS A 78 11.55 -4.49 20.11
N HIS A 79 10.72 -5.23 20.83
CA HIS A 79 9.30 -5.29 20.58
C HIS A 79 8.57 -4.73 21.76
N LEU A 80 7.93 -3.59 21.53
CA LEU A 80 6.99 -2.98 22.47
C LEU A 80 5.61 -3.58 22.23
N ARG A 81 5.23 -4.49 23.10
CA ARG A 81 3.97 -5.20 22.98
C ARG A 81 2.96 -4.34 23.74
N ALA A 82 2.32 -3.45 22.99
CA ALA A 82 1.37 -2.50 23.51
C ALA A 82 0.35 -2.00 22.48
N ALA A 83 -0.73 -1.42 22.96
CA ALA A 83 -1.72 -0.86 22.08
C ALA A 83 -1.11 0.34 21.37
N TYR A 84 -1.64 0.62 20.20
CA TYR A 84 -1.21 1.80 19.45
C TYR A 84 -1.47 3.11 20.15
N ASP A 85 -2.42 3.14 21.10
CA ASP A 85 -2.75 4.35 21.82
C ASP A 85 -2.26 4.31 23.25
N ASP A 86 -1.36 3.40 23.59
CA ASP A 86 -0.80 3.33 24.93
C ASP A 86 0.29 4.39 25.09
N GLU A 87 -0.04 5.47 25.79
CA GLU A 87 0.86 6.62 25.90
C GLU A 87 2.20 6.27 26.52
N ALA A 88 2.22 5.35 27.49
CA ALA A 88 3.48 4.97 28.11
C ALA A 88 4.40 4.32 27.08
N ALA A 89 3.82 3.50 26.20
CA ALA A 89 4.61 2.77 25.21
C ALA A 89 5.04 3.72 24.12
N LEU A 90 4.15 4.61 23.71
CA LEU A 90 4.51 5.66 22.78
C LEU A 90 5.63 6.53 23.31
N ALA A 91 5.53 6.94 24.56
CA ALA A 91 6.60 7.73 25.16
C ALA A 91 7.92 6.96 25.19
N GLU A 92 7.88 5.65 25.47
CA GLU A 92 9.10 4.85 25.45
C GLU A 92 9.68 4.77 24.01
N LEU A 93 8.81 4.61 23.01
CA LEU A 93 9.27 4.54 21.61
C LEU A 93 9.93 5.85 21.16
N ALA A 94 9.28 6.97 21.47
CA ALA A 94 9.83 8.30 21.13
C ALA A 94 11.16 8.54 21.83
N GLN A 95 11.30 8.11 23.09
CA GLN A 95 12.58 8.28 23.77
C GLN A 95 13.73 7.51 23.05
N LEU A 96 13.46 6.27 22.73
CA LEU A 96 14.43 5.38 22.17
C LEU A 96 14.86 5.75 20.74
N CYS A 97 13.88 6.13 19.92
CA CYS A 97 14.07 6.18 18.45
C CYS A 97 14.28 7.58 17.93
N ASP A 98 15.29 7.73 17.08
CA ASP A 98 15.59 9.00 16.41
C ASP A 98 14.58 9.35 15.31
N ALA A 99 13.97 8.32 14.69
CA ALA A 99 12.84 8.50 13.78
C ALA A 99 11.89 7.33 13.89
N VAL A 100 10.63 7.58 13.49
CA VAL A 100 9.56 6.56 13.55
C VAL A 100 8.74 6.64 12.27
N SER A 101 8.39 5.47 11.76
CA SER A 101 7.49 5.41 10.65
C SER A 101 6.39 4.37 10.97
N THR A 102 5.60 4.08 9.96
CA THR A 102 4.50 3.19 10.09
C THR A 102 4.20 2.36 8.85
N GLU A 103 3.49 1.25 9.04
CA GLU A 103 3.04 0.45 7.93
C GLU A 103 1.49 0.42 7.98
N VAL A 107 -3.26 2.99 11.89
CA VAL A 107 -2.74 3.62 13.10
C VAL A 107 -3.51 4.93 13.38
N PRO A 108 -3.78 5.22 14.65
CA PRO A 108 -4.39 6.54 14.93
C PRO A 108 -3.39 7.69 14.72
N ALA A 109 -3.80 8.70 13.95
CA ALA A 109 -2.90 9.84 13.68
C ALA A 109 -2.47 10.57 14.96
N ALA A 110 -3.33 10.50 15.98
CA ALA A 110 -3.02 11.09 17.25
C ALA A 110 -1.81 10.40 17.90
N SER A 111 -1.62 9.10 17.67
CA SER A 111 -0.41 8.44 18.19
C SER A 111 0.86 8.96 17.50
N LEU A 112 0.75 9.18 16.17
CA LEU A 112 1.81 9.80 15.40
C LEU A 112 2.13 11.20 15.86
N ASP A 113 1.11 12.00 16.12
CA ASP A 113 1.37 13.35 16.54
C ASP A 113 1.97 13.37 17.93
N PHE A 114 1.53 12.47 18.80
CA PHE A 114 2.12 12.27 20.13
C PHE A 114 3.61 11.97 20.06
N LEU A 115 3.99 11.04 19.18
CA LEU A 115 5.39 10.75 18.94
C LEU A 115 6.13 11.96 18.40
N ALA A 116 5.50 12.64 17.45
CA ALA A 116 6.13 13.78 16.79
C ALA A 116 6.33 14.98 17.73
N GLN A 117 5.70 14.99 18.91
CA GLN A 117 6.08 15.98 19.95
C GLN A 117 7.55 15.84 20.32
N SER A 118 8.13 14.65 20.12
CA SER A 118 9.46 14.36 20.65
C SER A 118 10.47 13.83 19.66
N THR A 119 10.00 13.23 18.57
CA THR A 119 10.94 12.63 17.61
C THR A 119 10.43 12.84 16.19
N PHE A 120 11.26 12.51 15.21
CA PHE A 120 10.91 12.65 13.82
C PHE A 120 9.98 11.54 13.32
N VAL A 121 8.89 11.93 12.71
CA VAL A 121 7.90 10.92 12.33
C VAL A 121 7.65 11.15 10.87
N ALA A 122 7.93 10.12 10.07
CA ALA A 122 7.77 10.20 8.62
C ALA A 122 7.23 8.89 8.04
N PRO A 123 6.06 8.92 7.40
CA PRO A 123 5.20 10.07 7.12
C PRO A 123 4.53 10.63 8.36
N ALA A 124 4.32 11.95 8.34
CA ALA A 124 3.67 12.68 9.40
C ALA A 124 2.19 12.27 9.61
N GLY A 125 1.75 12.36 10.85
CA GLY A 125 0.36 12.10 11.19
C GLY A 125 -0.66 12.78 10.28
N ARG A 126 -0.42 14.04 9.90
CA ARG A 126 -1.35 14.72 9.00
C ARG A 126 -1.50 13.96 7.69
N CYS A 127 -0.40 13.45 7.16
CA CYS A 127 -0.42 12.76 5.85
C CYS A 127 -1.11 11.41 5.97
N VAL A 128 -0.84 10.71 7.05
CA VAL A 128 -1.50 9.44 7.33
C VAL A 128 -3.01 9.62 7.56
N ALA A 129 -3.37 10.71 8.22
CA ALA A 129 -4.74 11.10 8.50
C ALA A 129 -5.52 11.32 7.19
N ILE A 130 -4.91 12.03 6.25
CA ILE A 130 -5.48 12.25 4.92
C ILE A 130 -5.63 10.93 4.14
N ALA A 131 -4.53 10.17 4.04
CA ALA A 131 -4.52 9.01 3.19
C ALA A 131 -5.49 8.00 3.68
N GLN A 132 -5.74 8.02 4.98
CA GLN A 132 -6.61 7.09 5.70
C GLN A 132 -8.08 7.32 5.51
N ASP A 133 -8.45 8.49 4.98
CA ASP A 133 -9.83 8.93 4.99
C ASP A 133 -10.24 9.21 3.57
N ARG A 134 -11.15 8.41 3.03
CA ARG A 134 -11.51 8.48 1.62
C ARG A 134 -12.10 9.87 1.25
N ILE A 135 -12.75 10.55 2.19
CA ILE A 135 -13.24 11.90 1.92
C ILE A 135 -12.05 12.85 1.79
N ALA A 136 -11.15 12.79 2.75
CA ALA A 136 -9.95 13.62 2.66
C ALA A 136 -9.13 13.27 1.43
N GLU A 137 -9.02 12.00 1.08
CA GLU A 137 -8.27 11.63 -0.15
C GLU A 137 -8.79 12.33 -1.38
N LYS A 138 -10.13 12.33 -1.54
CA LYS A 138 -10.75 12.98 -2.67
C LYS A 138 -10.35 14.45 -2.69
N ARG A 139 -10.38 15.11 -1.54
CA ARG A 139 -10.14 16.54 -1.48
C ARG A 139 -8.67 16.88 -1.83
N PHE A 140 -7.76 16.17 -1.20
CA PHE A 140 -6.35 16.51 -1.34
C PHE A 140 -5.70 16.02 -2.59
N ILE A 141 -6.19 14.92 -3.15
CA ILE A 141 -5.71 14.48 -4.40
C ILE A 141 -6.14 15.45 -5.53
N ALA A 142 -7.42 15.87 -5.51
CA ALA A 142 -7.92 16.85 -6.50
C ALA A 142 -7.18 18.17 -6.39
N ALA A 143 -6.89 18.58 -5.15
CA ALA A 143 -6.15 19.82 -4.92
C ALA A 143 -4.71 19.75 -5.35
N SER A 144 -4.22 18.55 -5.66
CA SER A 144 -2.89 18.39 -6.26
C SER A 144 -2.92 18.32 -7.80
N GLY A 145 -4.05 18.69 -8.43
CA GLY A 145 -4.26 18.61 -9.87
C GLY A 145 -4.29 17.20 -10.42
N VAL A 146 -4.87 16.27 -9.66
CA VAL A 146 -5.00 14.88 -10.10
C VAL A 146 -6.49 14.51 -10.13
N PRO A 147 -6.98 13.92 -11.24
CA PRO A 147 -8.39 13.54 -11.35
C PRO A 147 -8.77 12.42 -10.39
N VAL A 148 -9.98 12.53 -9.88
CA VAL A 148 -10.57 11.47 -9.07
C VAL A 148 -11.90 11.08 -9.71
N ALA A 149 -12.52 10.01 -9.24
CA ALA A 149 -13.82 9.63 -9.82
C ALA A 149 -14.90 10.64 -9.34
N PRO A 150 -15.95 10.86 -10.16
CA PRO A 150 -17.13 11.61 -9.68
C PRO A 150 -17.63 10.98 -8.37
N HIS A 151 -17.99 11.81 -7.40
CA HIS A 151 -18.43 11.33 -6.10
C HIS A 151 -19.26 12.35 -5.34
N VAL A 152 -20.05 11.85 -4.39
CA VAL A 152 -20.92 12.65 -3.52
C VAL A 152 -20.54 12.26 -2.11
N VAL A 153 -20.07 13.24 -1.32
CA VAL A 153 -19.71 12.99 0.07
C VAL A 153 -21.00 12.93 0.88
N ILE A 154 -21.09 11.96 1.80
CA ILE A 154 -22.26 11.82 2.65
C ILE A 154 -21.73 11.70 4.09
N GLU A 155 -21.58 12.84 4.76
CA GLU A 155 -20.90 12.90 6.07
C GLU A 155 -21.72 12.30 7.19
N SER A 156 -23.04 12.30 7.06
CA SER A 156 -23.95 12.02 8.17
C SER A 156 -25.33 11.70 7.65
N ALA A 157 -26.19 11.26 8.57
CA ALA A 157 -27.55 10.93 8.18
C ALA A 157 -28.25 12.19 7.81
N ALA A 158 -27.88 13.28 8.44
CA ALA A 158 -28.49 14.56 8.17
C ALA A 158 -28.20 14.96 6.72
N GLN A 159 -26.95 14.85 6.32
CA GLN A 159 -26.59 15.23 4.94
C GLN A 159 -27.25 14.29 3.95
N LEU A 160 -27.31 13.02 4.26
CA LEU A 160 -28.02 12.05 3.38
C LEU A 160 -29.47 12.48 3.17
N ALA A 161 -30.13 12.84 4.26
CA ALA A 161 -31.51 13.32 4.21
C ALA A 161 -31.70 14.59 3.40
N ALA A 162 -30.66 15.42 3.30
CA ALA A 162 -30.72 16.67 2.52
C ALA A 162 -30.52 16.37 1.04
N LEU A 163 -29.83 15.29 0.76
CA LEU A 163 -29.58 14.89 -0.63
C LEU A 163 -30.81 14.21 -1.20
N ALA A 164 -31.28 14.72 -2.33
CA ALA A 164 -32.43 14.21 -3.04
C ALA A 164 -32.08 12.91 -3.71
N ASP A 165 -33.06 12.09 -4.02
CA ASP A 165 -32.81 10.91 -4.85
C ASP A 165 -32.02 11.27 -6.13
N ALA A 166 -32.44 12.33 -6.82
CA ALA A 166 -31.75 12.76 -8.04
C ALA A 166 -30.28 13.14 -7.79
N ASP A 167 -29.96 13.63 -6.61
CA ASP A 167 -28.58 13.95 -6.26
C ASP A 167 -27.72 12.70 -6.17
N LEU A 168 -28.20 11.68 -5.47
CA LEU A 168 -27.52 10.41 -5.39
C LEU A 168 -27.38 9.75 -6.77
N ALA A 169 -28.43 9.85 -7.58
CA ALA A 169 -28.46 9.19 -8.89
C ALA A 169 -27.36 9.71 -9.85
N ALA A 170 -26.90 10.94 -9.64
CA ALA A 170 -25.88 11.54 -10.52
C ALA A 170 -24.54 10.80 -10.49
N VAL A 171 -24.33 9.99 -9.45
CA VAL A 171 -23.12 9.17 -9.33
C VAL A 171 -23.44 7.67 -9.24
N LEU A 172 -24.58 7.27 -9.80
CA LEU A 172 -24.97 5.88 -9.80
C LEU A 172 -25.05 5.37 -11.23
N PRO A 173 -24.79 4.07 -11.42
CA PRO A 173 -24.33 3.09 -10.46
C PRO A 173 -22.96 3.39 -9.85
N GLY A 174 -22.82 3.04 -8.59
CA GLY A 174 -21.55 3.21 -7.91
C GLY A 174 -21.37 2.31 -6.74
N ILE A 175 -20.47 2.76 -5.86
CA ILE A 175 -20.10 2.06 -4.64
C ILE A 175 -20.10 3.10 -3.57
N LEU A 176 -20.85 2.79 -2.51
CA LEU A 176 -20.78 3.52 -1.26
C LEU A 176 -19.67 2.95 -0.39
N LYS A 177 -18.71 3.80 -0.03
CA LYS A 177 -17.57 3.39 0.81
C LYS A 177 -17.51 4.22 2.08
N THR A 178 -17.30 3.58 3.23
CA THR A 178 -17.00 4.34 4.46
C THR A 178 -15.71 5.16 4.22
N ALA A 179 -15.66 6.34 4.80
CA ALA A 179 -14.50 7.18 4.68
C ALA A 179 -13.31 6.48 5.35
N ARG A 180 -13.52 5.89 6.53
CA ARG A 180 -12.47 5.21 7.29
C ARG A 180 -12.57 3.72 7.05
N LYS A 186 -13.99 -4.69 4.24
CA LYS A 186 -14.35 -3.88 3.08
C LYS A 186 -15.70 -3.21 3.32
N GLY A 187 -15.71 -2.08 4.02
CA GLY A 187 -16.94 -1.31 4.22
C GLY A 187 -17.40 -0.58 2.95
N GLN A 188 -17.67 -1.37 1.92
CA GLN A 188 -18.04 -0.91 0.58
C GLN A 188 -19.30 -1.66 0.17
N VAL A 189 -20.28 -0.95 -0.36
CA VAL A 189 -21.48 -1.58 -0.88
C VAL A 189 -21.77 -1.05 -2.30
N ARG A 190 -21.85 -1.98 -3.25
CA ARG A 190 -22.22 -1.69 -4.60
C ARG A 190 -23.70 -1.31 -4.62
N VAL A 191 -24.02 -0.17 -5.20
CA VAL A 191 -25.41 0.30 -5.23
C VAL A 191 -25.80 0.80 -6.60
N ALA A 192 -27.04 0.61 -7.02
CA ALA A 192 -27.46 1.09 -8.32
C ALA A 192 -28.63 2.10 -8.34
N THR A 193 -29.36 2.23 -7.23
CA THR A 193 -30.49 3.15 -7.13
C THR A 193 -30.30 4.04 -5.91
N ALA A 194 -30.97 5.19 -5.91
CA ALA A 194 -31.01 6.08 -4.73
C ALA A 194 -31.38 5.33 -3.47
N GLN A 195 -32.42 4.50 -3.55
CA GLN A 195 -32.90 3.79 -2.36
C GLN A 195 -31.84 2.82 -1.88
N GLU A 196 -31.17 2.15 -2.82
CA GLU A 196 -30.13 1.21 -2.46
C GLU A 196 -29.02 1.94 -1.75
N ALA A 197 -28.69 3.12 -2.25
CA ALA A 197 -27.66 3.95 -1.60
C ALA A 197 -28.01 4.30 -0.18
N ARG A 198 -29.27 4.72 0.04
CA ARG A 198 -29.74 5.12 1.36
C ARG A 198 -29.73 3.92 2.32
N ASP A 199 -30.19 2.75 1.86
CA ASP A 199 -30.21 1.55 2.69
C ASP A 199 -28.77 1.11 3.05
N ALA A 200 -27.87 1.14 2.06
CA ALA A 200 -26.47 0.85 2.31
C ALA A 200 -25.87 1.80 3.36
N TYR A 201 -26.24 3.08 3.27
CA TYR A 201 -25.71 4.09 4.20
C TYR A 201 -26.19 3.83 5.64
N GLY A 202 -27.48 3.51 5.78
CA GLY A 202 -28.00 3.09 7.08
C GLY A 202 -27.31 1.83 7.59
N SER A 203 -26.98 0.92 6.69
CA SER A 203 -26.33 -0.36 7.04
C SER A 203 -24.91 -0.18 7.56
N LEU A 204 -24.23 0.91 7.15
CA LEU A 204 -22.86 1.15 7.52
C LEU A 204 -22.78 1.95 8.79
N GLY A 205 -23.91 2.24 9.38
CA GLY A 205 -23.95 2.77 10.77
C GLY A 205 -24.02 4.28 10.94
N GLY A 206 -24.25 5.02 9.86
CA GLY A 206 -24.32 6.49 9.97
C GLY A 206 -22.95 7.15 10.09
N VAL A 207 -21.91 6.46 9.64
CA VAL A 207 -20.53 7.01 9.64
C VAL A 207 -20.32 7.83 8.37
N PRO A 208 -19.26 8.67 8.34
CA PRO A 208 -19.01 9.39 7.08
C PRO A 208 -18.69 8.43 5.94
N CYS A 209 -19.30 8.68 4.78
CA CYS A 209 -19.09 7.88 3.61
C CYS A 209 -18.89 8.78 2.40
N VAL A 210 -18.43 8.14 1.34
CA VAL A 210 -18.37 8.73 -0.01
C VAL A 210 -19.03 7.76 -1.01
N LEU A 211 -19.91 8.30 -1.83
CA LEU A 211 -20.55 7.56 -2.89
C LEU A 211 -19.82 7.87 -4.20
N GLU A 212 -19.13 6.86 -4.75
CA GLU A 212 -18.28 7.01 -5.92
C GLU A 212 -18.92 6.36 -7.13
N LYS A 213 -18.98 7.09 -8.25
CA LYS A 213 -19.55 6.62 -9.50
C LYS A 213 -18.65 5.55 -10.09
N ARG A 214 -19.26 4.47 -10.52
CA ARG A 214 -18.54 3.42 -11.25
C ARG A 214 -18.15 3.90 -12.63
N LEU A 215 -16.87 3.76 -12.95
CA LEU A 215 -16.37 4.17 -14.27
C LEU A 215 -15.99 2.97 -15.17
N PRO A 216 -15.94 3.18 -16.50
CA PRO A 216 -15.60 2.07 -17.39
C PRO A 216 -14.08 1.77 -17.38
N LEU A 217 -13.71 0.86 -16.51
CA LEU A 217 -12.34 0.57 -16.23
C LEU A 217 -11.78 -0.35 -17.31
N LYS A 218 -10.60 0.00 -17.81
CA LYS A 218 -9.90 -0.90 -18.72
C LYS A 218 -8.85 -1.73 -18.01
N TYR A 219 -8.01 -1.07 -17.20
CA TYR A 219 -7.01 -1.79 -16.39
C TYR A 219 -6.55 -0.87 -15.28
N GLU A 220 -5.84 -1.43 -14.31
CA GLU A 220 -5.38 -0.71 -13.12
C GLU A 220 -3.86 -0.66 -13.07
N VAL A 221 -3.34 0.44 -12.49
CA VAL A 221 -1.94 0.69 -12.36
C VAL A 221 -1.70 1.35 -11.02
N SER A 222 -0.46 1.23 -10.57
CA SER A 222 0.00 1.97 -9.37
C SER A 222 1.36 2.57 -9.60
N ALA A 223 1.51 3.77 -9.08
CA ALA A 223 2.75 4.48 -8.99
C ALA A 223 3.27 4.41 -7.55
N LEU A 224 4.59 4.36 -7.45
CA LEU A 224 5.27 4.15 -6.19
C LEU A 224 6.40 5.13 -6.16
N ILE A 225 6.31 6.06 -5.22
CA ILE A 225 7.29 7.12 -5.14
CA ILE A 225 7.24 7.14 -5.14
C ILE A 225 7.79 7.27 -3.72
N ALA A 226 8.98 7.89 -3.61
CA ALA A 226 9.53 8.30 -2.31
C ALA A 226 9.84 9.80 -2.35
N ARG A 227 9.60 10.49 -1.24
CA ARG A 227 9.93 11.91 -1.19
C ARG A 227 10.66 12.15 0.09
N GLY A 228 11.74 12.93 0.05
CA GLY A 228 12.51 13.20 1.24
C GLY A 228 12.13 14.54 1.84
N ALA A 229 12.63 14.76 3.03
CA ALA A 229 12.34 15.97 3.80
C ALA A 229 12.82 17.23 3.02
N ASN A 230 13.89 17.10 2.27
CA ASN A 230 14.37 18.20 1.39
C ASN A 230 13.63 18.36 0.07
N GLY A 231 12.57 17.58 -0.15
CA GLY A 231 11.78 17.68 -1.39
C GLY A 231 12.28 16.86 -2.59
N ALA A 232 13.39 16.16 -2.42
CA ALA A 232 13.83 15.30 -3.48
C ALA A 232 12.84 14.15 -3.63
N SER A 233 12.76 13.62 -4.84
CA SER A 233 11.84 12.55 -5.16
C SER A 233 12.56 11.47 -5.95
N ALA A 234 12.15 10.23 -5.74
CA ALA A 234 12.61 9.10 -6.51
C ALA A 234 11.37 8.32 -6.89
N VAL A 235 11.22 7.97 -8.15
CA VAL A 235 10.02 7.26 -8.54
C VAL A 235 10.35 5.95 -9.23
N PHE A 236 9.54 4.96 -8.93
CA PHE A 236 9.73 3.63 -9.50
C PHE A 236 9.00 3.57 -10.86
N PRO A 237 9.20 2.48 -11.60
CA PRO A 237 8.37 2.23 -12.78
C PRO A 237 6.89 1.98 -12.42
N LEU A 238 6.02 2.11 -13.42
CA LEU A 238 4.59 1.90 -13.20
C LEU A 238 4.27 0.42 -13.12
N ALA A 239 3.48 0.01 -12.14
CA ALA A 239 3.02 -1.34 -12.06
C ALA A 239 1.62 -1.47 -12.64
N GLN A 240 1.39 -2.53 -13.41
CA GLN A 240 0.03 -2.95 -13.83
C GLN A 240 -0.49 -4.06 -12.91
N ASN A 241 -1.66 -3.85 -12.28
CA ASN A 241 -2.19 -4.69 -11.20
C ASN A 241 -3.52 -5.29 -11.54
N THR A 242 -3.73 -6.54 -11.16
CA THR A 242 -5.06 -7.12 -11.24
C THR A 242 -5.47 -7.57 -9.84
N HIS A 243 -6.77 -7.55 -9.59
CA HIS A 243 -7.35 -7.98 -8.33
C HIS A 243 -8.44 -9.04 -8.52
N HIS A 244 -8.59 -9.89 -7.50
CA HIS A 244 -9.70 -10.81 -7.46
C HIS A 244 -10.24 -10.73 -6.06
N GLY A 245 -11.56 -10.55 -5.92
CA GLY A 245 -12.22 -10.51 -4.62
C GLY A 245 -11.72 -9.37 -3.79
N GLY A 246 -11.35 -8.27 -4.45
CA GLY A 246 -10.80 -7.09 -3.81
C GLY A 246 -9.36 -7.21 -3.30
N ILE A 247 -8.66 -8.27 -3.67
CA ILE A 247 -7.30 -8.50 -3.16
C ILE A 247 -6.35 -8.57 -4.39
N LEU A 248 -5.20 -7.92 -4.25
CA LEU A 248 -4.21 -7.89 -5.32
C LEU A 248 -3.79 -9.29 -5.67
N SER A 249 -3.69 -9.57 -6.98
CA SER A 249 -3.32 -10.88 -7.47
C SER A 249 -1.99 -10.91 -8.17
N LEU A 250 -1.84 -10.04 -9.15
CA LEU A 250 -0.66 -9.99 -9.99
C LEU A 250 -0.26 -8.53 -10.21
N SER A 251 1.02 -8.25 -10.12
CA SER A 251 1.60 -6.97 -10.60
C SER A 251 2.63 -7.25 -11.66
N VAL A 252 2.68 -6.42 -12.70
CA VAL A 252 3.63 -6.59 -13.76
C VAL A 252 4.30 -5.24 -14.03
N VAL A 253 5.61 -5.25 -14.11
CA VAL A 253 6.40 -4.02 -14.12
C VAL A 253 7.59 -4.15 -15.09
N PRO A 254 7.71 -3.27 -16.08
CA PRO A 254 6.83 -2.12 -16.36
C PRO A 254 5.47 -2.47 -16.98
N ALA A 255 4.44 -1.75 -16.54
CA ALA A 255 3.07 -1.88 -17.05
C ALA A 255 3.00 -2.01 -18.58
N PRO A 256 2.66 -3.24 -19.05
CA PRO A 256 2.61 -3.52 -20.50
C PRO A 256 1.65 -2.71 -21.28
N ALA A 257 0.51 -2.34 -20.69
CA ALA A 257 -0.53 -1.60 -21.47
C ALA A 257 -0.31 -0.09 -21.55
N ALA A 258 0.60 0.45 -20.73
CA ALA A 258 0.71 1.86 -20.54
C ALA A 258 1.75 2.48 -21.50
N SER A 259 1.30 3.48 -22.25
CA SER A 259 2.18 4.29 -23.10
C SER A 259 3.19 5.02 -22.21
N ASP A 260 4.32 5.40 -22.80
CA ASP A 260 5.26 6.33 -22.16
C ASP A 260 4.57 7.50 -21.53
N ALA A 261 3.67 8.09 -22.28
CA ALA A 261 2.90 9.25 -21.83
C ALA A 261 2.11 8.93 -20.57
N LEU A 262 1.45 7.78 -20.54
CA LEU A 262 0.61 7.41 -19.38
C LEU A 262 1.49 7.18 -18.17
N VAL A 263 2.65 6.55 -18.38
CA VAL A 263 3.58 6.32 -17.31
C VAL A 263 4.03 7.65 -16.71
N ARG A 264 4.38 8.61 -17.57
CA ARG A 264 4.82 9.92 -17.06
C ARG A 264 3.73 10.61 -16.26
N ASP A 265 2.51 10.67 -16.81
CA ASP A 265 1.35 11.22 -16.11
C ASP A 265 1.13 10.59 -14.72
N ALA A 266 1.18 9.26 -14.62
CA ALA A 266 0.92 8.62 -13.32
C ALA A 266 2.05 8.85 -12.31
N GLN A 267 3.29 8.74 -12.79
CA GLN A 267 4.44 9.09 -11.96
C GLN A 267 4.35 10.55 -11.53
N GLN A 268 4.09 11.46 -12.45
CA GLN A 268 3.99 12.90 -12.10
C GLN A 268 2.82 13.14 -11.09
N ALA A 269 1.68 12.45 -11.29
CA ALA A 269 0.53 12.62 -10.39
C ALA A 269 0.91 12.24 -8.96
N ALA A 270 1.66 11.12 -8.84
CA ALA A 270 2.09 10.66 -7.52
C ALA A 270 3.05 11.69 -6.88
N ALA A 271 3.96 12.24 -7.69
CA ALA A 271 4.90 13.26 -7.19
C ALA A 271 4.20 14.51 -6.79
N ARG A 272 3.23 14.95 -7.60
CA ARG A 272 2.43 16.14 -7.26
C ARG A 272 1.69 16.00 -5.91
N ILE A 273 1.11 14.84 -5.66
CA ILE A 273 0.44 14.63 -4.41
C ILE A 273 1.43 14.71 -3.24
N ALA A 274 2.53 13.97 -3.34
CA ALA A 274 3.57 13.98 -2.31
C ALA A 274 4.07 15.41 -2.08
N ASP A 275 4.32 16.15 -3.14
CA ASP A 275 4.86 17.54 -3.03
C ASP A 275 3.84 18.46 -2.36
N SER A 276 2.60 18.36 -2.83
CA SER A 276 1.51 19.20 -2.32
C SER A 276 1.29 19.00 -0.84
N LEU A 277 1.37 17.74 -0.40
CA LEU A 277 1.23 17.43 0.99
C LEU A 277 2.49 17.58 1.84
N ASP A 278 3.62 17.91 1.23
CA ASP A 278 4.91 17.89 1.91
C ASP A 278 5.19 16.54 2.56
N TYR A 279 4.82 15.48 1.81
CA TYR A 279 4.94 14.10 2.27
C TYR A 279 6.43 13.69 2.35
N VAL A 280 6.79 13.06 3.46
CA VAL A 280 8.11 12.43 3.64
C VAL A 280 7.95 10.94 3.89
N GLY A 281 8.41 10.15 2.93
CA GLY A 281 8.26 8.69 3.00
C GLY A 281 7.98 8.11 1.64
N VAL A 282 7.42 6.90 1.66
CA VAL A 282 7.04 6.19 0.46
C VAL A 282 5.50 6.25 0.36
N LEU A 283 5.03 6.55 -0.86
CA LEU A 283 3.61 6.70 -1.16
C LEU A 283 3.31 5.89 -2.40
N CYS A 284 2.23 5.10 -2.31
CA CYS A 284 1.70 4.33 -3.42
C CYS A 284 0.32 4.89 -3.77
N VAL A 285 0.16 5.24 -5.03
CA VAL A 285 -1.10 5.78 -5.59
C VAL A 285 -1.58 4.79 -6.61
N GLU A 286 -2.76 4.27 -6.36
CA GLU A 286 -3.42 3.35 -7.27
C GLU A 286 -4.39 4.09 -8.17
N PHE A 287 -4.36 3.74 -9.45
CA PHE A 287 -5.20 4.41 -10.46
C PHE A 287 -6.02 3.44 -11.25
N PHE A 288 -7.10 3.97 -11.83
CA PHE A 288 -7.80 3.32 -12.90
C PHE A 288 -7.40 3.95 -14.22
N VAL A 289 -7.25 3.12 -15.25
CA VAL A 289 -7.14 3.62 -16.58
C VAL A 289 -8.43 3.22 -17.31
N LEU A 290 -9.13 4.21 -17.82
CA LEU A 290 -10.45 3.98 -18.35
C LEU A 290 -10.44 3.59 -19.79
N GLU A 291 -11.57 3.09 -20.30
CA GLU A 291 -11.62 2.69 -21.70
C GLU A 291 -11.19 3.78 -22.69
N ASP A 292 -11.46 5.03 -22.36
CA ASP A 292 -11.10 6.17 -23.24
C ASP A 292 -9.66 6.61 -23.00
N GLY A 293 -8.93 5.89 -22.16
CA GLY A 293 -7.51 6.18 -21.91
C GLY A 293 -7.19 7.13 -20.77
N SER A 294 -8.24 7.66 -20.10
CA SER A 294 -8.05 8.60 -18.99
C SER A 294 -7.47 7.90 -17.77
N LEU A 295 -6.71 8.68 -16.99
CA LEU A 295 -6.15 8.23 -15.75
C LEU A 295 -6.92 8.85 -14.60
N VAL A 296 -7.33 8.01 -13.65
CA VAL A 296 -8.09 8.44 -12.50
C VAL A 296 -7.51 7.83 -11.23
N ALA A 297 -7.15 8.69 -10.28
CA ALA A 297 -6.67 8.22 -8.97
C ALA A 297 -7.80 7.62 -8.12
N ASN A 298 -7.52 6.44 -7.59
CA ASN A 298 -8.50 5.57 -6.89
C ASN A 298 -8.27 5.69 -5.37
N GLU A 299 -7.04 5.41 -4.92
CA GLU A 299 -6.67 5.41 -3.48
C GLU A 299 -5.16 5.60 -3.35
N MET A 300 -4.71 6.06 -2.18
CA MET A 300 -3.31 6.13 -1.91
C MET A 300 -2.99 5.54 -0.54
N ALA A 301 -1.83 4.91 -0.45
CA ALA A 301 -1.34 4.26 0.77
C ALA A 301 -0.08 4.99 1.22
N PRO A 302 -0.04 5.41 2.49
CA PRO A 302 1.12 6.21 2.91
C PRO A 302 2.22 5.33 3.49
N ARG A 303 2.76 4.46 2.65
CA ARG A 303 3.64 3.41 3.07
C ARG A 303 4.01 2.59 1.84
N PRO A 304 5.11 1.83 1.94
CA PRO A 304 5.32 0.71 1.04
C PRO A 304 4.03 -0.15 0.86
N HIS A 305 3.89 -0.76 -0.32
CA HIS A 305 2.63 -1.34 -0.71
C HIS A 305 2.88 -2.71 -1.38
N ASN A 306 1.87 -3.57 -1.30
CA ASN A 306 1.94 -4.96 -1.86
C ASN A 306 2.35 -4.92 -3.33
N SER A 307 1.89 -3.89 -4.06
CA SER A 307 2.18 -3.73 -5.51
C SER A 307 3.65 -3.30 -5.70
N GLY A 308 4.34 -2.97 -4.60
CA GLY A 308 5.77 -2.66 -4.68
C GLY A 308 6.75 -3.74 -4.21
N HIS A 309 6.25 -4.92 -3.87
CA HIS A 309 7.13 -5.99 -3.42
C HIS A 309 8.18 -6.38 -4.48
N TYR A 310 7.83 -6.26 -5.74
CA TYR A 310 8.74 -6.56 -6.84
C TYR A 310 10.06 -5.79 -6.71
N THR A 311 10.03 -4.61 -6.05
CA THR A 311 11.23 -3.77 -6.04
C THR A 311 12.43 -4.45 -5.33
N VAL A 312 12.14 -5.35 -4.40
CA VAL A 312 13.14 -6.09 -3.66
C VAL A 312 14.01 -6.91 -4.61
N ASP A 313 13.39 -7.50 -5.62
CA ASP A 313 14.12 -8.34 -6.57
C ASP A 313 14.43 -7.71 -7.92
N ALA A 314 13.86 -6.55 -8.25
CA ALA A 314 13.98 -6.02 -9.60
C ALA A 314 14.70 -4.68 -9.72
N CYS A 315 14.81 -3.96 -8.60
CA CYS A 315 15.33 -2.61 -8.60
C CYS A 315 16.52 -2.49 -7.66
N GLU A 316 17.28 -1.44 -7.92
CA GLU A 316 18.49 -1.16 -7.16
C GLU A 316 18.23 -0.90 -5.68
N THR A 317 17.11 -0.25 -5.35
CA THR A 317 16.72 0.07 -3.98
C THR A 317 15.28 -0.37 -3.84
N SER A 318 14.99 -1.10 -2.79
CA SER A 318 13.62 -1.54 -2.60
C SER A 318 12.78 -0.45 -1.99
N GLN A 319 11.47 -0.64 -2.03
CA GLN A 319 10.57 0.30 -1.40
C GLN A 319 10.81 0.42 0.12
N PHE A 320 11.25 -0.65 0.75
CA PHE A 320 11.52 -0.60 2.19
C PHE A 320 12.79 0.13 2.49
N GLU A 321 13.82 -0.01 1.65
CA GLU A 321 15.01 0.84 1.86
C GLU A 321 14.71 2.31 1.64
N GLN A 322 13.81 2.62 0.73
CA GLN A 322 13.43 4.02 0.52
C GLN A 322 12.73 4.56 1.76
N GLN A 323 11.93 3.73 2.44
CA GLN A 323 11.23 4.16 3.67
C GLN A 323 12.28 4.51 4.75
N VAL A 324 13.31 3.69 4.83
CA VAL A 324 14.42 3.93 5.76
C VAL A 324 15.14 5.23 5.43
N ARG A 325 15.48 5.41 4.18
CA ARG A 325 16.18 6.64 3.77
C ARG A 325 15.35 7.91 3.99
N ALA A 326 14.07 7.87 3.63
CA ALA A 326 13.23 9.08 3.84
C ALA A 326 13.15 9.45 5.33
N MET A 327 12.93 8.45 6.20
CA MET A 327 12.75 8.73 7.62
C MET A 327 14.07 9.13 8.29
N THR A 328 15.19 8.77 7.70
CA THR A 328 16.50 9.09 8.28
C THR A 328 17.13 10.34 7.62
N ARG A 329 16.41 10.92 6.66
CA ARG A 329 16.92 12.07 5.86
C ARG A 329 18.24 11.76 5.15
N LEU A 330 18.44 10.49 4.84
CA LEU A 330 19.51 10.07 3.92
C LEU A 330 19.11 10.36 2.49
N PRO A 331 20.08 10.46 1.60
CA PRO A 331 19.70 10.56 0.18
C PRO A 331 18.87 9.36 -0.25
N LEU A 332 17.94 9.59 -1.14
CA LEU A 332 17.11 8.55 -1.64
C LEU A 332 17.94 7.66 -2.55
N GLY A 333 17.50 6.43 -2.64
CA GLY A 333 18.18 5.43 -3.42
C GLY A 333 17.77 5.42 -4.87
N SER A 334 18.65 4.83 -5.67
CA SER A 334 18.38 4.62 -7.09
C SER A 334 17.20 3.70 -7.25
N THR A 335 16.27 4.06 -8.15
CA THR A 335 15.11 3.20 -8.46
C THR A 335 15.28 2.41 -9.76
N ARG A 336 16.48 2.42 -10.33
CA ARG A 336 16.75 1.69 -11.58
C ARG A 336 16.20 0.28 -11.50
N GLN A 337 15.40 -0.10 -12.48
CA GLN A 337 14.92 -1.47 -12.58
C GLN A 337 15.89 -2.24 -13.43
N HIS A 338 16.62 -3.13 -12.82
CA HIS A 338 17.64 -3.89 -13.54
C HIS A 338 17.03 -5.07 -14.33
N SER A 339 15.86 -5.51 -13.92
CA SER A 339 15.21 -6.72 -14.46
C SER A 339 13.70 -6.54 -14.54
N PRO A 340 13.13 -6.74 -15.74
CA PRO A 340 11.67 -6.86 -15.89
C PRO A 340 11.10 -7.85 -14.86
N ALA A 341 9.88 -7.58 -14.39
CA ALA A 341 9.42 -8.30 -13.24
C ALA A 341 7.91 -8.48 -13.17
N ALA A 342 7.50 -9.49 -12.41
CA ALA A 342 6.12 -9.61 -12.06
C ALA A 342 6.06 -10.13 -10.65
N MET A 343 4.90 -9.95 -10.04
CA MET A 343 4.71 -10.45 -8.69
C MET A 343 3.35 -11.14 -8.60
N LEU A 344 3.32 -12.30 -7.96
CA LEU A 344 2.08 -13.01 -7.69
C LEU A 344 1.89 -13.12 -6.19
N ASN A 345 0.71 -12.74 -5.71
CA ASN A 345 0.35 -12.95 -4.31
C ASN A 345 -0.07 -14.38 -4.14
N VAL A 346 0.34 -14.99 -3.02
CA VAL A 346 -0.04 -16.36 -2.67
C VAL A 346 -0.91 -16.27 -1.39
N LEU A 347 -2.18 -16.63 -1.55
CA LEU A 347 -3.12 -16.59 -0.43
C LEU A 347 -3.26 -18.01 0.11
N GLY A 348 -3.86 -18.12 1.28
CA GLY A 348 -4.11 -19.37 1.89
C GLY A 348 -5.00 -20.27 1.07
N ASP A 349 -5.77 -19.70 0.14
CA ASP A 349 -6.57 -20.48 -0.80
C ASP A 349 -5.72 -21.62 -1.45
N VAL A 350 -4.44 -21.32 -1.73
CA VAL A 350 -3.55 -22.25 -2.40
C VAL A 350 -3.36 -23.57 -1.62
N TRP A 351 -3.64 -23.57 -0.31
CA TRP A 351 -3.47 -24.80 0.51
C TRP A 351 -4.72 -25.72 0.45
N PHE A 352 -5.82 -25.24 -0.14
CA PHE A 352 -7.10 -26.00 -0.13
C PHE A 352 -7.59 -26.47 -1.52
N GLY A 358 -10.54 -30.30 2.42
CA GLY A 358 -10.81 -29.28 3.42
C GLY A 358 -9.62 -28.99 4.33
N GLU A 359 -8.67 -29.92 4.44
CA GLU A 359 -7.49 -29.71 5.30
C GLU A 359 -6.31 -29.12 4.50
N PRO A 360 -5.45 -28.29 5.13
CA PRO A 360 -4.39 -27.65 4.39
C PRO A 360 -3.41 -28.66 3.79
N VAL A 361 -3.01 -28.44 2.54
CA VAL A 361 -1.99 -29.29 1.89
C VAL A 361 -0.86 -28.37 1.41
N THR A 362 0.37 -28.66 1.82
CA THR A 362 1.52 -27.81 1.47
C THR A 362 1.62 -27.74 -0.05
N PRO A 363 1.65 -26.52 -0.60
CA PRO A 363 1.83 -26.42 -2.02
C PRO A 363 3.19 -27.01 -2.49
N PRO A 364 3.30 -27.31 -3.77
CA PRO A 364 4.50 -27.94 -4.36
C PRO A 364 5.62 -26.92 -4.62
N TRP A 365 6.20 -26.41 -3.53
CA TRP A 365 7.19 -25.37 -3.61
C TRP A 365 8.46 -25.77 -4.40
N ASP A 366 8.79 -27.06 -4.41
CA ASP A 366 9.89 -27.57 -5.24
C ASP A 366 9.68 -27.29 -6.73
N GLN A 367 8.45 -27.39 -7.22
CA GLN A 367 8.16 -27.13 -8.64
C GLN A 367 8.19 -25.62 -8.97
N VAL A 368 7.86 -24.81 -7.98
CA VAL A 368 8.01 -23.36 -8.12
C VAL A 368 9.51 -23.04 -8.19
N ALA A 369 10.28 -23.64 -7.29
CA ALA A 369 11.73 -23.34 -7.19
C ALA A 369 12.49 -23.84 -8.42
N ALA A 370 11.96 -24.82 -9.14
CA ALA A 370 12.52 -25.20 -10.44
C ALA A 370 12.46 -24.15 -11.52
N MET A 371 11.53 -23.20 -11.34
CA MET A 371 11.33 -22.13 -12.31
C MET A 371 12.42 -21.09 -12.13
N PRO A 372 13.26 -20.86 -13.18
CA PRO A 372 14.42 -20.00 -12.95
C PRO A 372 14.09 -18.53 -12.68
N THR A 373 12.86 -18.11 -12.97
CA THR A 373 12.46 -16.73 -12.78
C THR A 373 11.91 -16.49 -11.35
N ALA A 374 11.59 -17.57 -10.64
CA ALA A 374 10.91 -17.42 -9.35
C ALA A 374 11.77 -17.09 -8.11
N ARG A 375 11.30 -16.07 -7.40
CA ARG A 375 11.91 -15.53 -6.17
CA ARG A 375 11.93 -15.55 -6.20
C ARG A 375 10.90 -15.68 -5.06
N LEU A 376 11.07 -16.66 -4.22
CA LEU A 376 10.11 -16.97 -3.17
C LEU A 376 10.22 -16.05 -1.99
N HIS A 377 9.07 -15.52 -1.56
CA HIS A 377 8.93 -14.72 -0.31
C HIS A 377 7.75 -15.27 0.51
N LEU A 378 8.02 -16.28 1.34
CA LEU A 378 6.99 -16.99 2.07
C LEU A 378 7.04 -16.56 3.53
N TYR A 379 5.85 -16.28 4.08
CA TYR A 379 5.86 -15.54 5.35
C TYR A 379 6.03 -16.39 6.58
N GLY A 380 5.99 -17.70 6.42
CA GLY A 380 6.27 -18.60 7.52
C GLY A 380 5.10 -18.61 8.48
N LYS A 381 3.87 -18.35 7.96
CA LYS A 381 2.67 -18.27 8.82
C LYS A 381 2.18 -19.68 9.15
N GLU A 382 1.73 -19.88 10.39
CA GLU A 382 1.43 -21.23 10.90
C GLU A 382 0.18 -21.78 10.25
N GLU A 383 -0.76 -20.89 9.88
CA GLU A 383 -2.11 -21.28 9.52
C GLU A 383 -2.55 -20.71 8.16
N ALA A 384 -2.80 -21.59 7.20
CA ALA A 384 -3.35 -21.15 5.92
C ALA A 384 -4.82 -20.90 6.12
N ARG A 385 -5.32 -19.78 5.60
CA ARG A 385 -6.72 -19.42 5.64
C ARG A 385 -7.12 -18.75 4.33
N VAL A 386 -8.30 -19.08 3.80
CA VAL A 386 -8.82 -18.37 2.61
C VAL A 386 -8.75 -16.83 2.84
N GLY A 387 -8.28 -16.10 1.82
CA GLY A 387 -8.17 -14.64 1.91
C GLY A 387 -6.93 -14.05 2.61
N ARG A 388 -6.11 -14.89 3.24
CA ARG A 388 -4.95 -14.48 4.04
C ARG A 388 -3.70 -14.57 3.24
N LYS A 389 -2.93 -13.46 3.21
CA LYS A 389 -1.69 -13.42 2.43
C LYS A 389 -0.65 -14.28 3.13
N MET A 390 -0.19 -15.33 2.44
CA MET A 390 0.79 -16.27 2.98
C MET A 390 2.21 -15.97 2.47
N GLY A 391 2.30 -15.14 1.43
CA GLY A 391 3.57 -14.79 0.81
C GLY A 391 3.35 -14.22 -0.55
N HIS A 392 4.44 -14.06 -1.28
CA HIS A 392 4.37 -13.69 -2.68
C HIS A 392 5.55 -14.27 -3.37
N VAL A 393 5.43 -14.34 -4.67
CA VAL A 393 6.53 -14.84 -5.50
C VAL A 393 6.76 -13.74 -6.52
N ASN A 394 8.00 -13.23 -6.57
CA ASN A 394 8.40 -12.32 -7.64
C ASN A 394 9.02 -13.15 -8.75
N PHE A 395 8.95 -12.62 -9.95
CA PHE A 395 9.50 -13.26 -11.13
C PHE A 395 10.35 -12.24 -11.84
N THR A 396 11.65 -12.52 -12.01
CA THR A 396 12.56 -11.58 -12.67
C THR A 396 13.27 -12.35 -13.80
N ALA A 397 13.58 -11.64 -14.86
CA ALA A 397 14.21 -12.23 -16.03
C ALA A 397 14.83 -11.11 -16.85
N ALA A 398 15.59 -11.48 -17.88
CA ALA A 398 16.15 -10.51 -18.80
C ALA A 398 15.08 -9.74 -19.56
N THR A 399 13.95 -10.41 -19.84
CA THR A 399 12.85 -9.81 -20.59
C THR A 399 11.55 -9.91 -19.83
N LEU A 400 10.65 -8.97 -20.11
CA LEU A 400 9.38 -8.98 -19.42
C LEU A 400 8.58 -10.22 -19.85
N ASP A 401 8.67 -10.60 -21.13
CA ASP A 401 7.90 -11.79 -21.59
C ASP A 401 8.28 -13.05 -20.77
N GLU A 402 9.58 -13.24 -20.52
CA GLU A 402 10.05 -14.31 -19.66
C GLU A 402 9.52 -14.22 -18.24
N ALA A 403 9.55 -13.04 -17.64
CA ALA A 403 9.01 -12.83 -16.27
C ALA A 403 7.52 -13.16 -16.17
N VAL A 404 6.77 -12.64 -17.14
CA VAL A 404 5.31 -12.85 -17.15
C VAL A 404 4.98 -14.31 -17.40
N ALA A 405 5.73 -14.96 -18.28
CA ALA A 405 5.55 -16.40 -18.51
C ALA A 405 5.79 -17.22 -17.24
N GLY A 406 6.77 -16.82 -16.44
CA GLY A 406 7.01 -17.50 -15.17
C GLY A 406 5.85 -17.31 -14.21
N ALA A 407 5.37 -16.09 -14.10
CA ALA A 407 4.23 -15.83 -13.25
C ALA A 407 2.99 -16.67 -13.64
N THR A 408 2.75 -16.73 -14.93
CA THR A 408 1.60 -17.44 -15.50
C THR A 408 1.71 -18.92 -15.23
N ALA A 409 2.91 -19.47 -15.41
CA ALA A 409 3.17 -20.89 -15.14
C ALA A 409 3.02 -21.20 -13.66
N CYS A 410 3.59 -20.35 -12.82
CA CYS A 410 3.41 -20.49 -11.40
C CYS A 410 1.96 -20.41 -10.98
N ALA A 411 1.23 -19.44 -11.51
CA ALA A 411 -0.18 -19.30 -11.13
C ALA A 411 -0.98 -20.57 -11.51
N ARG A 412 -0.70 -21.13 -12.68
CA ARG A 412 -1.40 -22.37 -13.13
C ARG A 412 -1.06 -23.54 -12.20
N LEU A 413 0.23 -23.63 -11.85
CA LEU A 413 0.75 -24.62 -10.87
C LEU A 413 0.06 -24.58 -9.49
N LEU A 414 -0.02 -23.39 -8.92
CA LEU A 414 -0.62 -23.15 -7.61
C LEU A 414 -2.15 -22.93 -7.60
N ARG A 415 -2.74 -22.89 -8.78
CA ARG A 415 -4.22 -22.68 -8.98
C ARG A 415 -4.65 -21.30 -8.49
N ILE A 416 -3.86 -20.31 -8.86
CA ILE A 416 -4.10 -18.94 -8.47
C ILE A 416 -4.77 -18.26 -9.68
N PRO A 417 -6.02 -17.82 -9.53
CA PRO A 417 -6.78 -17.17 -10.61
C PRO A 417 -6.11 -15.91 -11.14
N LEU A 418 -6.00 -15.84 -12.46
CA LEU A 418 -5.51 -14.67 -13.17
C LEU A 418 -6.60 -14.32 -14.20
#